data_4JXQ
#
_entry.id   4JXQ
#
_cell.length_a   51.461
_cell.length_b   80.481
_cell.length_c   83.611
_cell.angle_alpha   90.00
_cell.angle_beta   90.00
_cell.angle_gamma   90.00
#
_symmetry.space_group_name_H-M   'P 21 21 21'
#
loop_
_entity.id
_entity.type
_entity.pdbx_description
1 polymer Acetyltransferase
2 non-polymer 1,2-ETHANEDIOL
3 non-polymer 'CITRATE ANION'
4 non-polymer 'NONAETHYLENE GLYCOL'
5 non-polymer DI(HYDROXYETHYL)ETHER
6 water water
#
_entity_poly.entity_id   1
_entity_poly.type   'polypeptide(L)'
_entity_poly.pdbx_seq_one_letter_code
;S(MSE)TATLRDAVAADLRSITEIYRESVLNGVATYEETPPSEAE(MSE)ALRFSTITGNGYPYVVALDERGAVIGYAYA
SAFRNRTAYRFLVEDSIYLSPEARGKGIGKALLSELVGRCTALGFRQ(MSE)IAVIGGAHPSSIALHRALGFELQGL
(MSE)KATGFKHGRWLDTAF(MSE)QRPLGEGTATKPTEGVYPDTLYRS
;
_entity_poly.pdbx_strand_id   A,B
#
loop_
_chem_comp.id
_chem_comp.type
_chem_comp.name
_chem_comp.formula
2PE non-polymer 'NONAETHYLENE GLYCOL' 'C18 H38 O10'
EDO non-polymer 1,2-ETHANEDIOL 'C2 H6 O2'
FLC non-polymer 'CITRATE ANION' 'C6 H5 O7 -3'
PEG non-polymer DI(HYDROXYETHYL)ETHER 'C4 H10 O3'
#
# COMPACT_ATOMS: atom_id res chain seq x y z
N MSE A 2 -17.91 -7.76 -20.78
CA MSE A 2 -18.30 -8.21 -19.41
C MSE A 2 -18.29 -7.02 -18.47
O MSE A 2 -17.49 -6.09 -18.63
CB MSE A 2 -17.37 -9.28 -18.82
N THR A 3 -19.19 -7.07 -17.49
CA THR A 3 -19.25 -5.99 -16.49
C THR A 3 -18.02 -6.04 -15.63
N ALA A 4 -17.36 -4.89 -15.44
CA ALA A 4 -16.19 -4.87 -14.60
C ALA A 4 -16.57 -5.06 -13.13
N THR A 5 -15.62 -5.62 -12.38
CA THR A 5 -15.79 -5.78 -10.94
C THR A 5 -14.97 -4.73 -10.26
N LEU A 6 -15.61 -3.77 -9.66
CA LEU A 6 -14.91 -2.69 -8.98
C LEU A 6 -15.23 -2.72 -7.52
N ARG A 7 -14.33 -2.19 -6.70
CA ARG A 7 -14.64 -1.91 -5.30
C ARG A 7 -13.66 -0.83 -4.82
N ASP A 8 -13.93 -0.24 -3.66
CA ASP A 8 -13.02 0.71 -3.11
C ASP A 8 -11.72 0.05 -2.73
N ALA A 9 -10.64 0.80 -2.95
CA ALA A 9 -9.29 0.34 -2.58
C ALA A 9 -9.14 0.33 -1.04
N VAL A 10 -8.37 -0.62 -0.54
CA VAL A 10 -7.99 -0.70 0.86
C VAL A 10 -6.50 -0.85 0.94
N ALA A 11 -6.01 -0.73 2.18
CA ALA A 11 -4.56 -0.87 2.37
C ALA A 11 -3.92 -2.07 1.79
N ALA A 12 -4.66 -3.19 1.85
CA ALA A 12 -4.15 -4.46 1.36
C ALA A 12 -3.96 -4.50 -0.16
N ASP A 13 -4.47 -3.49 -0.87
CA ASP A 13 -4.30 -3.39 -2.33
C ASP A 13 -3.03 -2.68 -2.75
N LEU A 14 -2.31 -2.07 -1.80
CA LEU A 14 -1.22 -1.21 -2.19
C LEU A 14 -0.11 -1.91 -2.90
N ARG A 15 0.15 -3.17 -2.56
CA ARG A 15 1.25 -3.83 -3.30
CA ARG A 15 1.25 -3.83 -3.30
C ARG A 15 0.96 -3.95 -4.85
N SER A 16 -0.28 -4.35 -5.12
CA SER A 16 -0.68 -4.44 -6.52
C SER A 16 -0.78 -3.08 -7.20
N ILE A 17 -1.30 -2.11 -6.51
CA ILE A 17 -1.33 -0.74 -7.04
C ILE A 17 0.04 -0.28 -7.40
N THR A 18 0.99 -0.52 -6.51
CA THR A 18 2.36 -0.08 -6.68
C THR A 18 2.99 -0.73 -7.93
N GLU A 19 2.75 -2.04 -8.08
CA GLU A 19 3.24 -2.78 -9.28
CA GLU A 19 3.28 -2.71 -9.27
CA GLU A 19 3.30 -2.74 -9.27
C GLU A 19 2.67 -2.23 -10.63
N ILE A 20 1.37 -1.97 -10.60
CA ILE A 20 0.67 -1.45 -11.80
C ILE A 20 1.31 -0.10 -12.14
N TYR A 21 1.44 0.77 -11.13
CA TYR A 21 1.97 2.10 -11.36
C TYR A 21 3.41 1.97 -11.80
N ARG A 22 4.18 1.06 -11.21
CA ARG A 22 5.59 0.89 -11.64
CA ARG A 22 5.60 0.90 -11.63
C ARG A 22 5.74 0.63 -13.16
N GLU A 23 4.88 -0.28 -13.65
CA GLU A 23 4.92 -0.64 -15.05
C GLU A 23 4.61 0.61 -15.87
N SER A 24 3.64 1.39 -15.43
CA SER A 24 3.31 2.62 -16.15
CA SER A 24 3.32 2.61 -16.14
C SER A 24 4.47 3.66 -16.14
N VAL A 25 5.11 3.80 -14.99
CA VAL A 25 6.19 4.72 -14.87
C VAL A 25 7.31 4.34 -15.80
N LEU A 26 7.66 3.07 -15.84
CA LEU A 26 8.75 2.60 -16.66
C LEU A 26 8.45 2.55 -18.15
N ASN A 27 7.24 2.13 -18.55
CA ASN A 27 6.98 1.84 -19.94
C ASN A 27 6.08 2.79 -20.67
N GLY A 28 5.42 3.68 -19.96
CA GLY A 28 4.37 4.51 -20.56
C GLY A 28 4.63 6.00 -20.47
N VAL A 29 3.68 6.75 -21.02
CA VAL A 29 3.69 8.22 -20.97
C VAL A 29 2.54 8.79 -20.19
N ALA A 30 1.70 7.94 -19.65
CA ALA A 30 0.57 8.43 -18.85
C ALA A 30 0.99 9.18 -17.63
N THR A 31 2.07 8.73 -17.02
CA THR A 31 2.66 9.44 -15.90
C THR A 31 4.01 10.01 -16.28
N TYR A 32 4.25 11.22 -15.81
CA TYR A 32 5.50 11.92 -16.05
C TYR A 32 6.53 11.66 -14.96
N GLU A 33 6.19 10.87 -13.96
CA GLU A 33 7.20 10.38 -13.03
CA GLU A 33 7.22 10.39 -13.04
C GLU A 33 8.17 9.42 -13.80
N GLU A 34 9.43 9.48 -13.36
CA GLU A 34 10.53 8.71 -13.94
C GLU A 34 10.95 7.50 -13.13
N THR A 35 11.03 7.69 -11.82
CA THR A 35 11.46 6.63 -10.90
C THR A 35 10.21 6.05 -10.22
N PRO A 36 10.02 4.73 -10.32
CA PRO A 36 8.83 4.21 -9.68
C PRO A 36 8.82 4.46 -8.18
N PRO A 37 7.72 4.95 -7.62
CA PRO A 37 7.67 5.14 -6.19
C PRO A 37 7.62 3.79 -5.48
N SER A 38 8.13 3.77 -4.26
CA SER A 38 8.00 2.59 -3.43
C SER A 38 6.57 2.38 -3.01
N GLU A 39 6.26 1.17 -2.53
CA GLU A 39 4.98 0.92 -1.95
C GLU A 39 4.67 1.85 -0.80
N ALA A 40 5.69 2.18 0.02
CA ALA A 40 5.53 3.09 1.12
C ALA A 40 5.06 4.48 0.62
N GLU A 41 5.68 4.94 -0.46
CA GLU A 41 5.27 6.24 -1.04
C GLU A 41 3.86 6.18 -1.61
N MSE A 42 3.55 5.10 -2.34
CA MSE A 42 2.18 4.93 -2.88
C MSE A 42 1.16 4.92 -1.75
O MSE A 42 0.06 5.43 -1.88
CB MSE A 42 2.08 3.72 -3.76
CG MSE A 42 2.91 3.80 -5.03
SE MSE A 42 2.46 5.28 -6.18
CE MSE A 42 0.77 4.54 -6.88
N ALA A 43 1.52 4.28 -0.63
CA ALA A 43 0.64 4.18 0.49
C ALA A 43 0.38 5.53 1.16
N LEU A 44 1.40 6.39 1.25
CA LEU A 44 1.24 7.74 1.74
C LEU A 44 0.26 8.52 0.82
N ARG A 45 0.49 8.40 -0.48
CA ARG A 45 -0.40 9.07 -1.45
C ARG A 45 -1.84 8.60 -1.25
N PHE A 46 -2.03 7.27 -1.14
CA PHE A 46 -3.37 6.74 -0.90
C PHE A 46 -3.95 7.30 0.36
N SER A 47 -3.18 7.36 1.45
CA SER A 47 -3.64 7.89 2.71
CA SER A 47 -3.69 7.89 2.71
C SER A 47 -4.15 9.33 2.55
N THR A 48 -3.37 10.10 1.81
CA THR A 48 -3.70 11.54 1.63
C THR A 48 -4.95 11.70 0.82
N ILE A 49 -5.02 11.00 -0.32
CA ILE A 49 -6.18 11.14 -1.22
C ILE A 49 -7.44 10.73 -0.49
N THR A 50 -7.44 9.56 0.13
CA THR A 50 -8.62 9.08 0.82
C THR A 50 -8.92 9.90 2.08
N GLY A 51 -7.92 10.46 2.73
CA GLY A 51 -8.14 11.31 3.87
C GLY A 51 -8.85 12.59 3.49
N ASN A 52 -8.74 13.03 2.25
CA ASN A 52 -9.45 14.17 1.76
C ASN A 52 -10.87 13.86 1.23
N GLY A 53 -11.29 12.65 1.39
CA GLY A 53 -12.65 12.24 1.03
C GLY A 53 -12.81 11.83 -0.42
N TYR A 54 -11.75 11.79 -1.18
CA TYR A 54 -11.82 11.43 -2.57
C TYR A 54 -11.94 9.93 -2.74
N PRO A 55 -12.59 9.49 -3.84
CA PRO A 55 -12.72 8.06 -4.10
C PRO A 55 -11.46 7.47 -4.69
N TYR A 56 -11.16 6.24 -4.30
CA TYR A 56 -10.00 5.51 -4.74
C TYR A 56 -10.44 4.08 -4.89
N VAL A 57 -10.46 3.56 -6.12
CA VAL A 57 -11.10 2.31 -6.43
CA VAL A 57 -11.13 2.34 -6.48
C VAL A 57 -10.14 1.40 -7.19
N VAL A 58 -10.43 0.12 -7.13
CA VAL A 58 -9.72 -0.89 -7.85
C VAL A 58 -10.68 -1.73 -8.74
N ALA A 59 -10.11 -2.24 -9.80
CA ALA A 59 -10.75 -3.23 -10.67
C ALA A 59 -10.10 -4.57 -10.42
N LEU A 60 -10.93 -5.60 -10.40
CA LEU A 60 -10.56 -6.94 -10.06
C LEU A 60 -10.76 -7.88 -11.20
N ASP A 61 -9.89 -8.87 -11.29
CA ASP A 61 -10.12 -9.99 -12.23
C ASP A 61 -11.07 -10.99 -11.58
N GLU A 62 -11.31 -12.08 -12.29
CA GLU A 62 -12.36 -13.08 -11.91
CA GLU A 62 -12.34 -13.09 -11.92
C GLU A 62 -12.06 -13.80 -10.57
N ARG A 63 -10.80 -13.81 -10.20
CA ARG A 63 -10.31 -14.39 -8.98
C ARG A 63 -10.10 -13.37 -7.86
N GLY A 64 -10.41 -12.09 -8.11
CA GLY A 64 -10.35 -11.10 -7.03
C GLY A 64 -9.05 -10.33 -6.98
N ALA A 65 -8.11 -10.58 -7.90
CA ALA A 65 -6.83 -9.86 -7.91
C ALA A 65 -6.97 -8.47 -8.54
N VAL A 66 -6.25 -7.51 -7.99
CA VAL A 66 -6.34 -6.12 -8.50
C VAL A 66 -5.56 -6.06 -9.84
N ILE A 67 -6.25 -5.55 -10.87
CA ILE A 67 -5.67 -5.46 -12.22
C ILE A 67 -5.73 -4.02 -12.74
N GLY A 68 -6.30 -3.12 -11.99
CA GLY A 68 -6.28 -1.70 -12.38
C GLY A 68 -6.76 -0.89 -11.19
N TYR A 69 -6.56 0.41 -11.23
CA TYR A 69 -7.03 1.27 -10.17
C TYR A 69 -7.30 2.66 -10.72
N ALA A 70 -8.01 3.45 -9.96
CA ALA A 70 -8.32 4.81 -10.37
C ALA A 70 -8.65 5.63 -9.14
N TYR A 71 -8.41 6.91 -9.18
CA TYR A 71 -8.82 7.80 -8.12
C TYR A 71 -9.09 9.18 -8.67
N ALA A 72 -9.87 9.95 -7.92
CA ALA A 72 -9.97 11.35 -8.11
C ALA A 72 -9.15 12.04 -7.07
N SER A 73 -8.63 13.18 -7.39
CA SER A 73 -7.95 14.04 -6.41
CA SER A 73 -7.96 14.04 -6.40
C SER A 73 -8.02 15.51 -6.89
N ALA A 74 -7.40 16.41 -6.14
CA ALA A 74 -7.37 17.78 -6.56
C ALA A 74 -6.56 17.89 -7.83
N PHE A 75 -6.97 18.83 -8.66
CA PHE A 75 -6.13 19.36 -9.73
C PHE A 75 -4.99 20.16 -9.09
N ARG A 76 -5.32 21.09 -8.24
CA ARG A 76 -4.43 21.86 -7.37
C ARG A 76 -5.25 22.06 -6.07
N ASN A 77 -4.61 21.94 -4.93
CA ASN A 77 -5.30 22.01 -3.62
C ASN A 77 -5.48 23.41 -3.09
N ARG A 78 -5.67 24.38 -3.92
CA ARG A 78 -5.95 25.73 -3.52
C ARG A 78 -7.46 25.87 -3.37
N THR A 79 -7.88 26.67 -2.41
CA THR A 79 -9.27 26.79 -2.01
C THR A 79 -10.24 26.90 -3.17
N ALA A 80 -10.02 27.82 -4.09
CA ALA A 80 -11.00 28.09 -5.12
C ALA A 80 -11.19 26.91 -6.07
N TYR A 81 -10.25 25.94 -6.11
CA TYR A 81 -10.36 24.78 -6.93
C TYR A 81 -11.10 23.59 -6.25
N ARG A 82 -11.71 23.84 -5.06
CA ARG A 82 -12.20 22.71 -4.28
C ARG A 82 -13.32 21.91 -4.96
N PHE A 83 -14.06 22.52 -5.88
CA PHE A 83 -15.17 21.82 -6.59
C PHE A 83 -14.67 21.16 -7.85
N LEU A 84 -13.38 21.21 -8.13
CA LEU A 84 -12.74 20.57 -9.31
C LEU A 84 -11.96 19.38 -8.86
N VAL A 85 -12.13 18.26 -9.55
CA VAL A 85 -11.35 17.05 -9.35
C VAL A 85 -10.66 16.66 -10.66
N GLU A 86 -9.59 15.92 -10.50
CA GLU A 86 -8.83 15.36 -11.61
C GLU A 86 -8.83 13.87 -11.49
N ASP A 87 -9.04 13.15 -12.59
CA ASP A 87 -9.03 11.70 -12.55
C ASP A 87 -7.67 11.12 -12.93
N SER A 88 -7.33 10.00 -12.32
CA SER A 88 -6.17 9.22 -12.61
C SER A 88 -6.60 7.77 -12.74
N ILE A 89 -6.20 7.11 -13.84
CA ILE A 89 -6.58 5.72 -14.13
C ILE A 89 -5.39 4.96 -14.63
N TYR A 90 -5.14 3.78 -14.04
CA TYR A 90 -4.03 2.95 -14.43
C TYR A 90 -4.48 1.50 -14.53
N LEU A 91 -4.33 0.94 -15.71
CA LEU A 91 -4.65 -0.47 -15.97
C LEU A 91 -3.39 -1.26 -16.19
N SER A 92 -3.31 -2.43 -15.62
CA SER A 92 -2.26 -3.36 -16.01
C SER A 92 -2.42 -3.74 -17.48
N PRO A 93 -1.31 -4.11 -18.17
CA PRO A 93 -1.38 -4.35 -19.59
C PRO A 93 -2.43 -5.34 -19.96
N GLU A 94 -2.53 -6.38 -19.17
CA GLU A 94 -3.45 -7.42 -19.57
CA GLU A 94 -3.46 -7.47 -19.44
C GLU A 94 -4.95 -7.14 -19.18
N ALA A 95 -5.14 -5.99 -18.49
CA ALA A 95 -6.51 -5.51 -18.22
C ALA A 95 -7.08 -4.54 -19.28
N ARG A 96 -6.29 -4.22 -20.24
CA ARG A 96 -6.68 -3.30 -21.30
C ARG A 96 -7.53 -4.01 -22.33
N GLY A 97 -8.41 -3.26 -22.97
CA GLY A 97 -9.23 -3.77 -24.07
C GLY A 97 -10.43 -4.57 -23.62
N LYS A 98 -10.84 -4.35 -22.38
CA LYS A 98 -11.91 -5.09 -21.76
C LYS A 98 -13.00 -4.20 -21.18
N GLY A 99 -13.00 -2.91 -21.50
CA GLY A 99 -13.98 -1.99 -20.94
C GLY A 99 -13.71 -1.54 -19.51
N ILE A 100 -12.57 -1.94 -18.95
CA ILE A 100 -12.33 -1.67 -17.53
C ILE A 100 -11.98 -0.21 -17.30
N GLY A 101 -11.24 0.42 -18.22
CA GLY A 101 -11.01 1.87 -18.12
C GLY A 101 -12.33 2.63 -18.07
N LYS A 102 -13.24 2.27 -18.96
CA LYS A 102 -14.55 2.92 -18.98
CA LYS A 102 -14.53 2.91 -18.98
C LYS A 102 -15.32 2.78 -17.63
N ALA A 103 -15.26 1.55 -17.11
CA ALA A 103 -15.92 1.31 -15.82
C ALA A 103 -15.30 2.12 -14.70
N LEU A 104 -13.96 2.15 -14.66
CA LEU A 104 -13.29 2.96 -13.61
C LEU A 104 -13.62 4.40 -13.75
N LEU A 105 -13.57 4.95 -14.98
CA LEU A 105 -13.88 6.37 -15.15
C LEU A 105 -15.35 6.68 -14.83
N SER A 106 -16.25 5.74 -15.25
CA SER A 106 -17.66 5.90 -14.90
CA SER A 106 -17.67 5.93 -14.88
C SER A 106 -17.94 6.01 -13.35
N GLU A 107 -17.18 5.16 -12.67
CA GLU A 107 -17.21 5.16 -11.20
C GLU A 107 -16.70 6.47 -10.63
N LEU A 108 -15.56 6.97 -11.13
CA LEU A 108 -15.09 8.24 -10.65
C LEU A 108 -16.08 9.34 -10.94
N VAL A 109 -16.60 9.40 -12.16
CA VAL A 109 -17.55 10.44 -12.55
C VAL A 109 -18.78 10.35 -11.61
N GLY A 110 -19.32 9.14 -11.42
CA GLY A 110 -20.51 8.99 -10.60
C GLY A 110 -20.26 9.34 -9.16
N ARG A 111 -19.14 8.83 -8.63
CA ARG A 111 -18.80 9.13 -7.22
C ARG A 111 -18.66 10.60 -6.99
N CYS A 112 -17.89 11.27 -7.87
CA CYS A 112 -17.64 12.67 -7.67
C CYS A 112 -18.91 13.52 -7.85
N THR A 113 -19.81 13.08 -8.74
CA THR A 113 -21.12 13.68 -8.87
C THR A 113 -21.89 13.59 -7.54
N ALA A 114 -21.93 12.37 -7.03
CA ALA A 114 -22.63 12.18 -5.76
C ALA A 114 -22.04 12.99 -4.61
N LEU A 115 -20.71 13.09 -4.57
CA LEU A 115 -20.04 13.80 -3.49
C LEU A 115 -20.21 15.27 -3.55
N GLY A 116 -20.53 15.85 -4.74
CA GLY A 116 -20.81 17.27 -4.87
C GLY A 116 -19.78 18.10 -5.60
N PHE A 117 -18.78 17.45 -6.23
CA PHE A 117 -17.91 18.16 -7.11
C PHE A 117 -18.64 18.62 -8.34
N ARG A 118 -18.10 19.63 -9.03
CA ARG A 118 -18.81 20.28 -10.12
C ARG A 118 -18.08 20.20 -11.46
N GLN A 119 -16.79 19.90 -11.50
CA GLN A 119 -16.06 19.79 -12.75
C GLN A 119 -15.01 18.71 -12.53
N MSE A 120 -14.71 17.97 -13.62
CA MSE A 120 -13.64 16.99 -13.62
C MSE A 120 -12.70 17.30 -14.80
O MSE A 120 -13.16 17.49 -15.94
CB MSE A 120 -14.14 15.56 -13.73
CG MSE A 120 -13.05 14.52 -13.53
SE MSE A 120 -13.73 12.70 -13.40
CE MSE A 120 -14.31 12.76 -11.59
N ILE A 121 -11.40 17.33 -14.53
CA ILE A 121 -10.34 17.52 -15.53
CA ILE A 121 -10.41 17.49 -15.56
C ILE A 121 -9.53 16.28 -15.63
N ALA A 122 -9.10 15.97 -16.87
CA ALA A 122 -8.12 14.98 -17.14
C ALA A 122 -6.90 15.63 -17.78
N VAL A 123 -5.73 15.31 -17.25
CA VAL A 123 -4.45 15.82 -17.77
C VAL A 123 -3.75 14.60 -18.32
N ILE A 124 -3.74 14.45 -19.63
CA ILE A 124 -3.41 13.19 -20.28
C ILE A 124 -1.99 13.26 -20.79
N GLY A 125 -1.12 12.50 -20.11
CA GLY A 125 0.28 12.44 -20.46
C GLY A 125 0.49 11.89 -21.83
N GLY A 126 1.36 12.55 -22.60
CA GLY A 126 1.59 12.16 -23.95
C GLY A 126 0.47 12.41 -24.89
N ALA A 127 -0.68 12.89 -24.42
CA ALA A 127 -1.83 13.07 -25.29
C ALA A 127 -2.17 11.79 -25.99
N HIS A 128 -2.04 10.66 -25.32
CA HIS A 128 -2.23 9.38 -25.96
C HIS A 128 -3.65 9.30 -26.50
N PRO A 129 -3.79 8.89 -27.79
CA PRO A 129 -5.15 8.90 -28.38
C PRO A 129 -6.10 7.91 -27.70
N SER A 130 -5.61 6.82 -27.17
CA SER A 130 -6.51 5.87 -26.54
C SER A 130 -7.08 6.44 -25.24
N SER A 131 -6.29 7.19 -24.50
N SER A 131 -6.30 7.21 -24.49
CA SER A 131 -6.76 7.83 -23.27
CA SER A 131 -6.77 7.85 -23.27
C SER A 131 -7.70 9.00 -23.57
C SER A 131 -7.70 9.02 -23.56
N ILE A 132 -7.37 9.80 -24.60
CA ILE A 132 -8.25 10.85 -25.03
C ILE A 132 -9.62 10.27 -25.38
N ALA A 133 -9.63 9.18 -26.15
CA ALA A 133 -10.88 8.55 -26.58
C ALA A 133 -11.67 7.98 -25.42
N LEU A 134 -11.01 7.39 -24.46
CA LEU A 134 -11.70 6.90 -23.25
C LEU A 134 -12.45 8.01 -22.55
N HIS A 135 -11.77 9.13 -22.37
CA HIS A 135 -12.40 10.26 -21.73
C HIS A 135 -13.50 10.84 -22.59
N ARG A 136 -13.27 10.91 -23.90
CA ARG A 136 -14.38 11.40 -24.76
CA ARG A 136 -14.39 11.41 -24.77
C ARG A 136 -15.75 10.56 -24.66
N ALA A 137 -15.48 9.27 -24.51
CA ALA A 137 -16.55 8.29 -24.39
C ALA A 137 -17.40 8.57 -23.15
N LEU A 138 -16.80 9.14 -22.12
CA LEU A 138 -17.42 9.51 -20.87
C LEU A 138 -17.84 10.96 -20.84
N GLY A 139 -17.90 11.64 -21.97
CA GLY A 139 -18.43 12.96 -22.02
C GLY A 139 -17.44 14.08 -21.79
N PHE A 140 -16.14 13.78 -21.65
CA PHE A 140 -15.14 14.84 -21.58
C PHE A 140 -14.97 15.44 -22.97
N GLU A 141 -14.68 16.71 -22.98
CA GLU A 141 -14.32 17.45 -24.20
CA GLU A 141 -14.31 17.48 -24.18
C GLU A 141 -12.84 17.95 -24.09
N LEU A 142 -12.15 17.83 -25.20
CA LEU A 142 -10.80 18.31 -25.32
C LEU A 142 -10.78 19.81 -25.19
N GLN A 143 -10.02 20.33 -24.24
CA GLN A 143 -9.90 21.74 -24.00
C GLN A 143 -8.67 22.34 -24.57
N GLY A 144 -7.59 21.58 -24.69
CA GLY A 144 -6.34 22.08 -25.24
C GLY A 144 -5.27 21.07 -25.18
N LEU A 145 -4.17 21.39 -25.88
CA LEU A 145 -3.04 20.53 -26.05
C LEU A 145 -1.82 21.37 -25.78
N MSE A 146 -1.14 21.03 -24.66
CA MSE A 146 0.08 21.77 -24.24
CA MSE A 146 0.08 21.78 -24.27
CA MSE A 146 0.07 21.76 -24.24
CA MSE A 146 0.07 21.77 -24.24
C MSE A 146 1.27 21.04 -24.85
O MSE A 146 1.74 19.98 -24.36
CB MSE A 146 0.20 21.88 -22.72
CB MSE A 146 0.15 21.86 -22.75
CB MSE A 146 0.17 21.86 -22.71
CB MSE A 146 0.21 21.87 -22.71
CG MSE A 146 -1.05 22.09 -21.89
CG MSE A 146 -1.18 22.05 -22.08
CG MSE A 146 -1.09 22.17 -21.94
CG MSE A 146 -0.98 22.24 -21.86
SE MSE A 146 -1.99 23.80 -22.14
SE MSE A 146 -1.92 23.73 -22.67
SE MSE A 146 -1.84 23.89 -22.44
SE MSE A 146 -1.84 23.89 -22.44
CE MSE A 146 -0.43 24.97 -21.89
CE MSE A 146 -1.07 23.73 -20.98
CE MSE A 146 -3.69 23.49 -21.92
CE MSE A 146 -3.06 22.52 -23.01
N LYS A 147 1.75 21.56 -25.97
CA LYS A 147 2.76 20.88 -26.79
C LYS A 147 4.11 20.84 -26.14
N ALA A 148 4.76 19.72 -26.22
CA ALA A 148 6.18 19.55 -25.91
C ALA A 148 6.44 19.98 -24.49
N THR A 149 5.52 19.65 -23.60
CA THR A 149 5.59 19.97 -22.19
C THR A 149 6.20 18.87 -21.33
N GLY A 150 6.25 17.65 -21.84
CA GLY A 150 6.96 16.64 -21.19
C GLY A 150 8.17 16.16 -21.99
N PHE A 151 9.13 15.56 -21.31
CA PHE A 151 10.31 14.97 -21.97
C PHE A 151 10.58 13.66 -21.28
N LYS A 152 10.38 12.53 -21.97
CA LYS A 152 10.49 11.20 -21.35
C LYS A 152 10.85 10.22 -22.48
N HIS A 153 11.67 9.22 -22.17
CA HIS A 153 12.06 8.22 -23.16
C HIS A 153 12.69 8.90 -24.40
N GLY A 154 13.41 10.00 -24.16
CA GLY A 154 14.13 10.72 -25.20
C GLY A 154 13.26 11.50 -26.16
N ARG A 155 11.99 11.74 -25.84
CA ARG A 155 11.06 12.38 -26.73
C ARG A 155 10.32 13.52 -26.04
N TRP A 156 10.04 14.57 -26.81
CA TRP A 156 9.09 15.58 -26.39
C TRP A 156 7.69 15.03 -26.46
N LEU A 157 6.93 15.31 -25.42
CA LEU A 157 5.56 14.83 -25.22
C LEU A 157 4.62 15.99 -25.14
N ASP A 158 3.44 15.85 -25.76
CA ASP A 158 2.34 16.77 -25.59
C ASP A 158 1.49 16.31 -24.41
N THR A 159 0.80 17.24 -23.80
CA THR A 159 -0.06 16.95 -22.65
C THR A 159 -1.45 17.50 -22.97
N ALA A 160 -2.45 16.61 -23.04
CA ALA A 160 -3.80 17.03 -23.38
C ALA A 160 -4.61 17.33 -22.12
N PHE A 161 -5.45 18.32 -22.22
CA PHE A 161 -6.34 18.71 -21.11
C PHE A 161 -7.77 18.53 -21.57
N MSE A 162 -8.55 17.77 -20.82
CA MSE A 162 -9.96 17.52 -21.10
C MSE A 162 -10.79 17.84 -19.90
O MSE A 162 -10.31 17.84 -18.76
CB MSE A 162 -10.18 16.10 -21.52
CG MSE A 162 -9.24 15.67 -22.66
SE MSE A 162 -9.67 13.95 -23.35
CE MSE A 162 -11.25 14.31 -24.32
N GLN A 163 -12.09 18.06 -20.09
CA GLN A 163 -12.95 18.48 -18.99
C GLN A 163 -14.37 17.98 -19.23
N ARG A 164 -15.04 17.66 -18.16
CA ARG A 164 -16.49 17.29 -18.11
CA ARG A 164 -16.51 17.58 -18.19
C ARG A 164 -17.12 18.06 -16.88
N PRO A 165 -18.30 18.67 -17.03
CA PRO A 165 -19.01 19.09 -15.84
C PRO A 165 -19.49 17.89 -15.07
N LEU A 166 -19.74 18.12 -13.79
CA LEU A 166 -20.33 17.10 -12.92
C LEU A 166 -21.59 17.70 -12.27
N GLY A 167 -22.65 16.93 -12.23
CA GLY A 167 -23.86 17.37 -11.58
C GLY A 167 -24.40 18.69 -12.12
N GLU A 168 -24.66 19.61 -11.20
CA GLU A 168 -25.17 20.90 -11.59
C GLU A 168 -24.09 21.78 -12.28
N GLY A 169 -22.82 21.41 -12.24
CA GLY A 169 -21.82 22.21 -12.94
C GLY A 169 -21.75 23.63 -12.48
N THR A 170 -21.80 24.55 -13.46
CA THR A 170 -21.72 25.98 -13.17
C THR A 170 -23.10 26.59 -12.97
N ALA A 171 -24.16 25.84 -13.02
CA ALA A 171 -25.50 26.38 -13.09
C ALA A 171 -26.01 26.92 -11.78
N THR A 172 -25.50 26.37 -10.68
CA THR A 172 -25.93 26.73 -9.32
C THR A 172 -24.70 27.01 -8.50
N LYS A 173 -24.87 27.77 -7.42
CA LYS A 173 -23.84 27.93 -6.43
C LYS A 173 -23.73 26.68 -5.53
N PRO A 174 -22.53 26.24 -5.13
CA PRO A 174 -22.50 25.08 -4.25
C PRO A 174 -23.01 25.42 -2.86
N THR A 175 -23.60 24.43 -2.23
CA THR A 175 -24.09 24.59 -0.86
C THR A 175 -22.96 24.84 0.12
N GLU A 176 -23.05 25.92 0.87
CA GLU A 176 -22.05 26.30 1.88
C GLU A 176 -22.04 25.30 2.98
N GLY A 177 -20.85 24.94 3.42
CA GLY A 177 -20.68 24.24 4.68
C GLY A 177 -20.87 22.76 4.59
N VAL A 178 -21.06 22.25 3.38
CA VAL A 178 -21.10 20.80 3.19
CA VAL A 178 -21.13 20.80 3.16
C VAL A 178 -20.06 20.39 2.11
N TYR A 179 -19.52 19.21 2.34
CA TYR A 179 -18.45 18.69 1.47
C TYR A 179 -18.94 18.76 0.03
N PRO A 180 -18.11 19.19 -0.92
CA PRO A 180 -16.67 19.49 -0.80
C PRO A 180 -16.38 20.98 -0.53
N ASP A 181 -17.39 21.77 -0.19
CA ASP A 181 -17.11 23.18 0.16
C ASP A 181 -16.16 23.28 1.35
N THR A 182 -16.14 22.25 2.17
CA THR A 182 -15.32 22.21 3.37
C THR A 182 -13.84 21.89 3.11
N LEU A 183 -13.48 21.53 1.89
CA LEU A 183 -12.08 21.27 1.58
C LEU A 183 -11.29 22.56 1.46
N TYR A 184 -10.05 22.47 1.93
CA TYR A 184 -9.06 23.50 1.70
C TYR A 184 -9.42 24.85 2.27
N ARG A 185 -10.07 24.82 3.44
CA ARG A 185 -10.48 26.07 4.11
C ARG A 185 -9.64 26.22 5.38
N SER A 186 -9.23 27.43 5.68
CA SER A 186 -8.32 27.62 6.80
C SER A 186 -8.37 29.07 7.27
N MSE B 2 10.77 -14.11 -8.93
N MSE B 2 12.23 -14.47 -8.09
CA MSE B 2 11.60 -13.80 -7.73
CA MSE B 2 11.02 -13.86 -8.77
C MSE B 2 10.87 -12.63 -7.18
C MSE B 2 10.40 -12.87 -7.81
O MSE B 2 11.23 -12.03 -6.14
O MSE B 2 10.89 -12.63 -6.70
CB MSE B 2 13.04 -13.51 -8.10
CB MSE B 2 9.98 -14.94 -9.16
CG MSE B 2 13.80 -13.20 -6.84
CG MSE B 2 9.27 -14.75 -10.52
SE MSE B 2 14.17 -11.27 -6.87
SE MSE B 2 8.60 -16.57 -10.96
CE MSE B 2 15.25 -11.12 -5.23
CE MSE B 2 7.09 -16.28 -12.19
N THR B 3 9.82 -12.27 -7.88
N THR B 3 9.31 -12.27 -8.26
CA THR B 3 8.75 -11.48 -7.25
CA THR B 3 8.51 -11.43 -7.36
C THR B 3 7.95 -12.38 -6.35
C THR B 3 7.80 -12.33 -6.37
N ALA B 4 7.79 -11.98 -5.09
CA ALA B 4 7.17 -12.83 -4.08
C ALA B 4 5.65 -12.84 -4.30
N THR B 5 5.00 -13.90 -3.84
CA THR B 5 3.54 -14.01 -3.85
C THR B 5 3.04 -13.85 -2.40
N LEU B 6 2.36 -12.75 -2.12
CA LEU B 6 1.90 -12.43 -0.78
C LEU B 6 0.41 -12.33 -0.73
N ARG B 7 -0.19 -12.69 0.42
CA ARG B 7 -1.56 -12.41 0.65
C ARG B 7 -1.81 -12.36 2.15
N ASP B 8 -2.99 -11.88 2.53
N ASP B 8 -2.99 -11.88 2.53
N ASP B 8 -2.99 -11.89 2.53
CA ASP B 8 -3.38 -11.91 3.93
CA ASP B 8 -3.41 -11.91 3.94
CA ASP B 8 -3.35 -11.91 3.93
C ASP B 8 -3.44 -13.35 4.44
C ASP B 8 -3.42 -13.35 4.44
C ASP B 8 -3.46 -13.33 4.44
N ALA B 9 -2.96 -13.56 5.65
CA ALA B 9 -3.07 -14.84 6.33
C ALA B 9 -4.54 -15.08 6.70
N VAL B 10 -4.89 -16.39 6.61
CA VAL B 10 -6.20 -16.88 7.06
C VAL B 10 -6.01 -18.02 8.02
N ALA B 11 -7.11 -18.40 8.67
CA ALA B 11 -7.02 -19.53 9.63
C ALA B 11 -6.42 -20.77 9.03
N ALA B 12 -6.69 -21.04 7.74
CA ALA B 12 -6.15 -22.22 7.09
C ALA B 12 -4.65 -22.25 6.98
N ASP B 13 -3.99 -21.10 7.22
CA ASP B 13 -2.52 -21.04 7.20
C ASP B 13 -1.86 -21.39 8.55
N LEU B 14 -2.65 -21.72 9.55
N LEU B 14 -2.66 -21.72 9.55
CA LEU B 14 -2.19 -21.86 10.88
CA LEU B 14 -2.16 -21.87 10.90
C LEU B 14 -1.13 -22.94 11.06
C LEU B 14 -1.12 -22.94 11.06
N ARG B 15 -1.31 -24.08 10.40
CA ARG B 15 -0.32 -25.12 10.57
C ARG B 15 1.05 -24.66 10.07
N SER B 16 1.09 -24.05 8.88
CA SER B 16 2.34 -23.61 8.35
C SER B 16 2.96 -22.49 9.21
N ILE B 17 2.17 -21.57 9.64
CA ILE B 17 2.64 -20.50 10.52
C ILE B 17 3.26 -21.11 11.77
N THR B 18 2.54 -22.05 12.37
CA THR B 18 2.98 -22.64 13.62
C THR B 18 4.29 -23.39 13.43
N GLU B 19 4.38 -24.14 12.35
CA GLU B 19 5.60 -24.89 12.06
C GLU B 19 6.79 -23.99 11.74
N ILE B 20 6.59 -22.92 10.98
CA ILE B 20 7.64 -21.99 10.74
C ILE B 20 8.11 -21.34 12.03
N TYR B 21 7.18 -20.94 12.88
CA TYR B 21 7.54 -20.33 14.14
C TYR B 21 8.26 -21.35 15.03
N ARG B 22 7.77 -22.58 15.07
CA ARG B 22 8.39 -23.62 15.84
CA ARG B 22 8.39 -23.62 15.85
C ARG B 22 9.87 -23.74 15.49
N GLU B 23 10.17 -23.82 14.22
CA GLU B 23 11.56 -23.94 13.78
CA GLU B 23 11.56 -24.00 13.86
C GLU B 23 12.39 -22.78 14.25
N SER B 24 11.83 -21.56 14.16
CA SER B 24 12.50 -20.37 14.65
CA SER B 24 12.51 -20.35 14.65
C SER B 24 12.72 -20.39 16.18
N VAL B 25 11.71 -20.81 16.92
CA VAL B 25 11.84 -20.94 18.36
C VAL B 25 12.97 -21.90 18.72
N LEU B 26 13.00 -23.06 18.05
CA LEU B 26 13.97 -24.10 18.43
C LEU B 26 15.37 -23.73 17.95
N ASN B 27 15.53 -23.21 16.77
CA ASN B 27 16.79 -23.18 16.12
C ASN B 27 17.42 -21.81 16.01
N GLY B 28 16.64 -20.77 16.19
CA GLY B 28 17.04 -19.44 15.92
C GLY B 28 17.16 -18.49 17.09
N VAL B 29 17.45 -17.25 16.76
CA VAL B 29 17.50 -16.14 17.71
C VAL B 29 16.56 -15.05 17.35
N ALA B 30 15.76 -15.22 16.34
CA ALA B 30 14.80 -14.17 15.96
C ALA B 30 13.70 -14.02 16.97
N THR B 31 13.33 -15.08 17.67
CA THR B 31 12.40 -15.03 18.76
C THR B 31 13.09 -15.51 20.02
N TYR B 32 12.79 -14.86 21.13
CA TYR B 32 13.34 -15.19 22.44
C TYR B 32 12.43 -16.13 23.20
N GLU B 33 11.33 -16.55 22.59
CA GLU B 33 10.60 -17.70 23.14
CA GLU B 33 10.58 -17.69 23.13
C GLU B 33 11.46 -18.98 23.03
N GLU B 34 11.26 -19.85 24.04
CA GLU B 34 11.96 -21.11 24.11
C GLU B 34 11.15 -22.36 23.76
N THR B 35 9.88 -22.35 24.15
CA THR B 35 8.99 -23.50 23.91
C THR B 35 8.05 -23.17 22.79
N PRO B 36 8.01 -23.99 21.73
CA PRO B 36 7.10 -23.67 20.63
C PRO B 36 5.67 -23.56 21.12
N PRO B 37 4.95 -22.51 20.77
CA PRO B 37 3.53 -22.49 21.09
C PRO B 37 2.77 -23.54 20.28
N SER B 38 1.65 -23.96 20.86
CA SER B 38 0.70 -24.81 20.15
C SER B 38 0.03 -24.07 19.03
N GLU B 39 -0.58 -24.80 18.12
CA GLU B 39 -1.44 -24.13 17.13
CA GLU B 39 -1.44 -24.11 17.11
C GLU B 39 -2.56 -23.25 17.73
N ALA B 40 -3.16 -23.82 18.78
CA ALA B 40 -4.20 -23.09 19.49
C ALA B 40 -3.69 -21.72 20.03
N GLU B 41 -2.47 -21.71 20.58
CA GLU B 41 -1.89 -20.48 21.01
C GLU B 41 -1.60 -19.52 19.85
N MSE B 42 -1.04 -20.10 18.78
CA MSE B 42 -0.79 -19.25 17.60
CA MSE B 42 -0.80 -19.23 17.58
C MSE B 42 -2.10 -18.62 17.03
O MSE B 42 -2.13 -17.50 16.52
CB MSE B 42 -0.04 -19.98 16.51
CB MSE B 42 -0.04 -19.97 16.50
CG MSE B 42 1.36 -20.43 16.95
CG MSE B 42 1.35 -20.45 16.96
SE MSE B 42 2.55 -18.99 17.43
SE MSE B 42 2.57 -19.02 17.45
CE MSE B 42 2.99 -18.33 15.68
CE MSE B 42 1.57 -17.82 16.44
N ALA B 43 -3.18 -19.44 17.14
CA ALA B 43 -4.51 -18.95 16.71
C ALA B 43 -4.95 -17.77 17.54
N LEU B 44 -4.80 -17.90 18.83
CA LEU B 44 -5.14 -16.76 19.72
CA LEU B 44 -5.14 -16.74 19.72
C LEU B 44 -4.35 -15.48 19.36
N ARG B 45 -3.05 -15.70 19.09
CA ARG B 45 -2.20 -14.56 18.71
C ARG B 45 -2.67 -13.95 17.40
N PHE B 46 -2.92 -14.81 16.41
CA PHE B 46 -3.43 -14.37 15.12
C PHE B 46 -4.70 -13.58 15.27
N SER B 47 -5.64 -14.08 16.04
CA SER B 47 -6.91 -13.39 16.24
C SER B 47 -6.73 -12.05 16.91
N THR B 48 -5.82 -11.99 17.86
CA THR B 48 -5.57 -10.77 18.57
C THR B 48 -4.98 -9.70 17.69
N ILE B 49 -3.94 -10.07 16.94
CA ILE B 49 -3.26 -9.15 16.05
C ILE B 49 -4.22 -8.61 15.02
N THR B 50 -4.90 -9.52 14.30
CA THR B 50 -5.81 -9.11 13.25
C THR B 50 -7.04 -8.44 13.80
N GLY B 51 -7.48 -8.77 15.00
CA GLY B 51 -8.61 -8.09 15.61
C GLY B 51 -8.31 -6.63 15.93
N ASN B 52 -7.04 -6.31 16.13
CA ASN B 52 -6.62 -4.93 16.31
C ASN B 52 -6.39 -4.18 15.01
N GLY B 53 -6.67 -4.82 13.89
CA GLY B 53 -6.55 -4.16 12.58
C GLY B 53 -5.20 -4.24 11.95
N TYR B 54 -4.22 -4.90 12.62
CA TYR B 54 -2.89 -4.99 12.09
C TYR B 54 -2.79 -5.98 10.97
N PRO B 55 -1.91 -5.72 10.01
CA PRO B 55 -1.73 -6.66 8.90
C PRO B 55 -0.96 -7.91 9.32
N TYR B 56 -1.34 -9.02 8.73
CA TYR B 56 -0.72 -10.33 8.99
C TYR B 56 -0.72 -11.05 7.66
N VAL B 57 0.44 -11.24 7.07
CA VAL B 57 0.50 -11.73 5.71
CA VAL B 57 0.60 -11.63 5.68
C VAL B 57 1.40 -12.94 5.62
N VAL B 58 1.18 -13.73 4.58
CA VAL B 58 1.97 -14.90 4.27
C VAL B 58 2.60 -14.75 2.86
N ALA B 59 3.75 -15.37 2.74
CA ALA B 59 4.40 -15.58 1.44
C ALA B 59 4.22 -16.99 0.99
N LEU B 60 3.95 -17.20 -0.31
CA LEU B 60 3.67 -18.53 -0.88
C LEU B 60 4.74 -18.94 -1.85
N ASP B 61 4.97 -20.22 -1.93
CA ASP B 61 5.82 -20.77 -2.97
C ASP B 61 5.02 -20.96 -4.24
N GLU B 62 5.69 -21.56 -5.23
CA GLU B 62 5.10 -21.77 -6.55
CA GLU B 62 5.17 -21.87 -6.56
CA GLU B 62 5.07 -21.76 -6.55
C GLU B 62 3.94 -22.79 -6.56
N ARG B 63 3.81 -23.56 -5.47
CA ARG B 63 2.69 -24.48 -5.25
CA ARG B 63 2.71 -24.49 -5.27
CA ARG B 63 2.69 -24.48 -5.29
C ARG B 63 1.55 -23.83 -4.46
N GLY B 64 1.74 -22.60 -3.99
CA GLY B 64 0.71 -21.93 -3.17
C GLY B 64 0.85 -22.24 -1.69
N ALA B 65 1.94 -22.88 -1.32
CA ALA B 65 2.12 -23.25 0.07
C ALA B 65 2.77 -22.11 0.82
N VAL B 66 2.44 -21.94 2.10
CA VAL B 66 3.04 -20.91 2.91
C VAL B 66 4.47 -21.24 3.29
N ILE B 67 5.39 -20.33 2.98
CA ILE B 67 6.78 -20.51 3.25
C ILE B 67 7.37 -19.41 4.12
N GLY B 68 6.57 -18.42 4.49
CA GLY B 68 7.03 -17.34 5.37
C GLY B 68 5.80 -16.54 5.77
N TYR B 69 5.95 -15.73 6.85
CA TYR B 69 4.87 -14.85 7.24
C TYR B 69 5.43 -13.64 7.98
N ALA B 70 4.59 -12.62 8.09
CA ALA B 70 4.99 -11.43 8.81
C ALA B 70 3.79 -10.74 9.31
N TYR B 71 3.94 -9.98 10.37
CA TYR B 71 2.87 -9.17 10.89
C TYR B 71 3.42 -7.92 11.54
N ALA B 72 2.55 -6.93 11.65
CA ALA B 72 2.81 -5.81 12.52
C ALA B 72 1.97 -5.95 13.74
N SER B 73 2.43 -5.45 14.86
CA SER B 73 1.65 -5.39 16.09
CA SER B 73 1.63 -5.39 16.08
C SER B 73 2.14 -4.23 16.98
N ALA B 74 1.57 -4.06 18.15
CA ALA B 74 2.04 -3.01 19.03
C ALA B 74 3.45 -3.34 19.49
N PHE B 75 4.24 -2.31 19.69
CA PHE B 75 5.48 -2.45 20.48
C PHE B 75 5.13 -2.70 21.93
N ARG B 76 4.29 -1.86 22.48
CA ARG B 76 3.64 -1.97 23.75
C ARG B 76 2.20 -1.40 23.54
N ASN B 77 1.21 -2.01 24.12
CA ASN B 77 -0.16 -1.61 23.89
C ASN B 77 -0.66 -0.46 24.80
N ARG B 78 0.22 0.39 25.29
CA ARG B 78 -0.19 1.54 26.02
C ARG B 78 -0.65 2.61 25.05
N THR B 79 -1.63 3.39 25.43
CA THR B 79 -2.29 4.36 24.56
C THR B 79 -1.36 5.22 23.76
N ALA B 80 -0.36 5.80 24.41
CA ALA B 80 0.45 6.77 23.71
C ALA B 80 1.31 6.14 22.62
N TYR B 81 1.50 4.81 22.63
CA TYR B 81 2.24 4.11 21.59
C TYR B 81 1.38 3.72 20.39
N ARG B 82 0.12 4.17 20.31
CA ARG B 82 -0.77 3.62 19.29
C ARG B 82 -0.40 3.86 17.84
N PHE B 83 0.40 4.90 17.57
CA PHE B 83 0.88 5.19 16.21
C PHE B 83 2.16 4.48 15.87
N LEU B 84 2.70 3.69 16.79
CA LEU B 84 3.91 2.94 16.63
C LEU B 84 3.53 1.46 16.42
N VAL B 85 4.13 0.83 15.44
CA VAL B 85 4.01 -0.61 15.21
C VAL B 85 5.39 -1.25 15.21
N GLU B 86 5.42 -2.54 15.47
CA GLU B 86 6.61 -3.32 15.47
C GLU B 86 6.45 -4.42 14.43
N ASP B 87 7.44 -4.69 13.62
CA ASP B 87 7.36 -5.74 12.67
C ASP B 87 7.96 -7.01 13.16
N SER B 88 7.37 -8.13 12.76
CA SER B 88 7.86 -9.47 12.99
C SER B 88 7.84 -10.25 11.69
N ILE B 89 8.93 -10.86 11.33
CA ILE B 89 9.06 -11.58 10.06
C ILE B 89 9.67 -12.94 10.32
N TYR B 90 9.10 -13.99 9.76
CA TYR B 90 9.62 -15.35 9.92
C TYR B 90 9.56 -16.09 8.56
N LEU B 91 10.76 -16.52 8.12
CA LEU B 91 10.89 -17.30 6.89
C LEU B 91 11.26 -18.72 7.24
N SER B 92 10.64 -19.68 6.54
CA SER B 92 11.09 -21.07 6.64
C SER B 92 12.47 -21.13 6.00
N PRO B 93 13.30 -22.13 6.39
CA PRO B 93 14.67 -22.24 5.84
C PRO B 93 14.72 -22.15 4.32
N GLU B 94 13.76 -22.79 3.70
CA GLU B 94 13.63 -22.84 2.23
CA GLU B 94 13.62 -22.86 2.25
C GLU B 94 13.28 -21.52 1.57
N ALA B 95 12.74 -20.59 2.32
CA ALA B 95 12.30 -19.32 1.75
C ALA B 95 13.44 -18.31 1.82
N ARG B 96 14.59 -18.70 2.40
CA ARG B 96 15.66 -17.75 2.66
CA ARG B 96 15.67 -17.73 2.66
C ARG B 96 16.56 -17.57 1.42
N GLY B 97 17.18 -16.40 1.31
CA GLY B 97 18.02 -16.11 0.16
C GLY B 97 17.30 -15.75 -1.11
N LYS B 98 16.02 -15.41 -1.02
CA LYS B 98 15.14 -15.26 -2.18
C LYS B 98 14.44 -13.88 -2.27
N GLY B 99 14.84 -12.95 -1.41
CA GLY B 99 14.18 -11.63 -1.37
C GLY B 99 12.79 -11.61 -0.71
N ILE B 100 12.40 -12.71 -0.09
CA ILE B 100 11.02 -12.78 0.45
C ILE B 100 10.90 -11.94 1.72
N GLY B 101 11.95 -11.93 2.49
CA GLY B 101 12.01 -11.09 3.66
C GLY B 101 11.75 -9.59 3.34
N LYS B 102 12.42 -9.15 2.29
CA LYS B 102 12.25 -7.81 1.82
C LYS B 102 10.84 -7.60 1.31
N ALA B 103 10.25 -8.55 0.61
CA ALA B 103 8.90 -8.37 0.14
C ALA B 103 7.97 -8.23 1.35
N LEU B 104 8.13 -9.13 2.33
CA LEU B 104 7.26 -9.08 3.52
C LEU B 104 7.41 -7.76 4.29
N LEU B 105 8.64 -7.34 4.52
CA LEU B 105 8.84 -6.11 5.24
C LEU B 105 8.27 -4.92 4.48
N SER B 106 8.55 -4.90 3.16
CA SER B 106 8.00 -3.84 2.32
CA SER B 106 7.99 -3.79 2.35
CA SER B 106 7.97 -3.82 2.30
C SER B 106 6.43 -3.77 2.45
N GLU B 107 5.86 -4.97 2.46
CA GLU B 107 4.42 -5.06 2.60
C GLU B 107 3.93 -4.53 3.92
N LEU B 108 4.61 -4.89 5.02
CA LEU B 108 4.22 -4.35 6.31
C LEU B 108 4.37 -2.83 6.33
N VAL B 109 5.49 -2.30 5.83
CA VAL B 109 5.70 -0.86 5.77
C VAL B 109 4.58 -0.17 4.99
N GLY B 110 4.30 -0.74 3.79
CA GLY B 110 3.28 -0.14 2.95
C GLY B 110 1.92 -0.15 3.61
N ARG B 111 1.53 -1.35 4.08
CA ARG B 111 0.21 -1.46 4.72
CA ARG B 111 0.21 -1.46 4.72
C ARG B 111 0.01 -0.50 5.94
N CYS B 112 1.07 -0.52 6.80
CA CYS B 112 0.97 0.27 7.98
C CYS B 112 0.98 1.78 7.64
N THR B 113 1.71 2.15 6.60
CA THR B 113 1.66 3.53 6.13
C THR B 113 0.20 3.89 5.69
N ALA B 114 -0.36 3.00 4.87
CA ALA B 114 -1.71 3.22 4.30
C ALA B 114 -2.74 3.29 5.44
N LEU B 115 -2.53 2.47 6.48
CA LEU B 115 -3.46 2.44 7.60
C LEU B 115 -3.35 3.61 8.53
N GLY B 116 -2.23 4.38 8.47
CA GLY B 116 -2.08 5.60 9.22
C GLY B 116 -1.18 5.54 10.41
N PHE B 117 -0.41 4.47 10.59
CA PHE B 117 0.65 4.49 11.58
C PHE B 117 1.74 5.44 11.18
N ARG B 118 2.55 5.83 12.18
CA ARG B 118 3.56 6.89 11.97
C ARG B 118 5.00 6.47 12.20
N GLN B 119 5.27 5.36 12.90
CA GLN B 119 6.63 4.87 13.14
C GLN B 119 6.56 3.36 13.18
N MSE B 120 7.67 2.74 12.76
CA MSE B 120 7.81 1.30 12.89
C MSE B 120 9.13 1.01 13.55
O MSE B 120 10.18 1.59 13.21
CB MSE B 120 7.75 0.63 11.50
CG MSE B 120 7.74 -0.91 11.61
SE MSE B 120 7.40 -1.77 9.90
CE MSE B 120 5.53 -1.48 9.80
N ILE B 121 9.11 0.15 14.55
CA ILE B 121 10.31 -0.35 15.25
CA ILE B 121 10.30 -0.40 15.15
C ILE B 121 10.48 -1.89 14.96
N ALA B 122 11.75 -2.25 14.80
CA ALA B 122 12.16 -3.62 14.75
C ALA B 122 13.04 -3.89 15.95
N VAL B 123 12.72 -4.96 16.66
CA VAL B 123 13.47 -5.46 17.80
C VAL B 123 14.08 -6.76 17.35
N ILE B 124 15.37 -6.74 16.98
CA ILE B 124 16.00 -7.79 16.23
C ILE B 124 16.78 -8.66 17.17
N GLY B 125 16.29 -9.86 17.37
CA GLY B 125 16.87 -10.84 18.23
C GLY B 125 18.26 -11.20 17.78
N GLY B 126 19.18 -11.31 18.72
CA GLY B 126 20.54 -11.58 18.46
C GLY B 126 21.30 -10.53 17.66
N ALA B 127 20.66 -9.42 17.32
CA ALA B 127 21.28 -8.44 16.42
C ALA B 127 21.72 -9.14 15.17
N HIS B 128 20.91 -10.07 14.73
CA HIS B 128 21.27 -10.90 13.57
CA HIS B 128 21.26 -10.89 13.54
C HIS B 128 21.59 -10.06 12.23
N PRO B 129 22.83 -10.29 11.71
CA PRO B 129 23.26 -9.33 10.69
C PRO B 129 22.32 -9.31 9.45
N SER B 130 21.86 -10.47 8.99
CA SER B 130 21.03 -10.41 7.77
CA SER B 130 21.00 -10.47 7.80
C SER B 130 19.69 -9.74 8.02
N SER B 131 19.21 -9.80 9.25
CA SER B 131 17.97 -9.10 9.60
CA SER B 131 17.97 -9.08 9.60
C SER B 131 18.19 -7.60 9.68
N ILE B 132 19.33 -7.19 10.28
CA ILE B 132 19.66 -5.81 10.31
C ILE B 132 19.79 -5.27 8.88
N ALA B 133 20.47 -6.02 8.00
CA ALA B 133 20.67 -5.60 6.62
C ALA B 133 19.32 -5.43 5.88
N LEU B 134 18.43 -6.40 6.07
CA LEU B 134 17.07 -6.37 5.43
CA LEU B 134 17.20 -6.22 5.28
C LEU B 134 16.34 -5.05 5.78
N HIS B 135 16.40 -4.76 7.10
CA HIS B 135 15.72 -3.58 7.59
C HIS B 135 16.39 -2.28 7.11
N ARG B 136 17.73 -2.26 7.10
CA ARG B 136 18.45 -1.10 6.59
C ARG B 136 18.09 -0.84 5.15
N ALA B 137 17.93 -1.87 4.36
CA ALA B 137 17.61 -1.70 2.93
C ALA B 137 16.26 -1.06 2.71
N LEU B 138 15.36 -1.17 3.68
CA LEU B 138 14.06 -0.53 3.62
CA LEU B 138 14.01 -0.58 3.68
C LEU B 138 13.94 0.75 4.45
N GLY B 139 15.08 1.34 4.73
CA GLY B 139 15.10 2.62 5.32
C GLY B 139 15.05 2.70 6.82
N PHE B 140 15.15 1.58 7.51
CA PHE B 140 15.30 1.61 8.94
C PHE B 140 16.71 2.10 9.28
N GLU B 141 16.79 2.73 10.43
CA GLU B 141 18.08 3.16 11.00
C GLU B 141 18.25 2.57 12.38
N LEU B 142 19.42 2.01 12.65
CA LEU B 142 19.76 1.49 13.95
C LEU B 142 19.68 2.56 15.00
N GLN B 143 18.90 2.33 16.03
CA GLN B 143 18.75 3.26 17.11
C GLN B 143 19.54 2.89 18.35
N GLY B 144 19.76 1.60 18.56
CA GLY B 144 20.58 1.18 19.69
C GLY B 144 20.76 -0.29 19.71
N LEU B 145 21.71 -0.70 20.50
CA LEU B 145 22.09 -2.10 20.68
CA LEU B 145 22.08 -2.09 20.67
C LEU B 145 22.10 -2.42 22.16
N MSE B 146 21.10 -3.20 22.57
CA MSE B 146 20.95 -3.60 23.98
CA MSE B 146 20.93 -3.58 23.99
C MSE B 146 21.70 -4.88 24.25
O MSE B 146 21.32 -6.01 23.89
CB MSE B 146 19.47 -3.70 24.34
CB MSE B 146 19.45 -3.72 24.38
CG MSE B 146 18.59 -2.58 23.83
CG MSE B 146 18.52 -2.64 23.84
SE MSE B 146 19.06 -0.85 24.52
SE MSE B 146 19.08 -0.86 24.32
CE MSE B 146 18.16 0.09 23.01
CE MSE B 146 18.83 -0.95 26.21
N LYS B 147 22.91 -4.71 24.78
CA LYS B 147 23.87 -5.77 24.88
C LYS B 147 23.49 -6.84 25.88
N ALA B 148 23.69 -8.09 25.49
CA ALA B 148 23.62 -9.21 26.43
C ALA B 148 22.27 -9.24 27.15
N THR B 149 21.20 -8.92 26.41
CA THR B 149 19.85 -8.88 26.91
C THR B 149 19.10 -10.19 26.73
N GLY B 150 19.56 -11.06 25.83
CA GLY B 150 18.98 -12.38 25.70
C GLY B 150 19.98 -13.42 26.11
N PHE B 151 19.49 -14.60 26.50
CA PHE B 151 20.34 -15.75 26.77
C PHE B 151 19.65 -16.96 26.14
N LYS B 152 20.21 -17.55 25.12
CA LYS B 152 19.60 -18.67 24.38
C LYS B 152 20.75 -19.49 23.73
N HIS B 153 20.52 -20.80 23.58
CA HIS B 153 21.52 -21.68 22.95
C HIS B 153 22.88 -21.60 23.68
N GLY B 154 22.81 -21.32 24.98
CA GLY B 154 24.01 -21.27 25.75
C GLY B 154 24.84 -20.02 25.64
N ARG B 155 24.31 -18.96 25.05
CA ARG B 155 25.10 -17.76 24.89
C ARG B 155 24.29 -16.50 25.10
N TRP B 156 24.99 -15.45 25.51
CA TRP B 156 24.45 -14.13 25.57
C TRP B 156 24.23 -13.53 24.22
N LEU B 157 23.09 -12.87 24.03
CA LEU B 157 22.66 -12.30 22.77
C LEU B 157 22.44 -10.82 22.96
N ASP B 158 22.83 -10.03 21.97
CA ASP B 158 22.49 -8.65 21.86
C ASP B 158 21.11 -8.51 21.18
N THR B 159 20.45 -7.41 21.43
CA THR B 159 19.14 -7.14 20.80
C THR B 159 19.22 -5.77 20.16
N ALA B 160 19.05 -5.71 18.84
CA ALA B 160 19.15 -4.44 18.12
C ALA B 160 17.81 -3.81 17.95
N PHE B 161 17.72 -2.51 18.10
CA PHE B 161 16.50 -1.74 17.93
C PHE B 161 16.70 -0.86 16.71
N MSE B 162 15.80 -0.95 15.74
CA MSE B 162 15.83 -0.12 14.55
C MSE B 162 14.52 0.56 14.38
O MSE B 162 13.49 0.07 14.86
CB MSE B 162 16.12 -0.94 13.33
CG MSE B 162 17.39 -1.74 13.49
SE MSE B 162 17.94 -2.64 11.86
CE MSE B 162 18.64 -1.16 10.87
N GLN B 163 14.50 1.66 13.64
CA GLN B 163 13.26 2.44 13.47
C GLN B 163 13.20 3.02 12.08
N ARG B 164 12.00 3.11 11.57
CA ARG B 164 11.68 3.85 10.32
CA ARG B 164 11.67 3.85 10.38
C ARG B 164 10.41 4.69 10.56
N PRO B 165 10.43 5.97 10.14
CA PRO B 165 9.16 6.69 10.12
C PRO B 165 8.22 6.11 9.09
N LEU B 166 6.93 6.32 9.28
CA LEU B 166 5.93 5.88 8.30
C LEU B 166 5.10 7.12 7.91
N GLY B 167 4.88 7.28 6.62
CA GLY B 167 4.03 8.32 6.09
C GLY B 167 4.49 9.68 6.50
N GLU B 168 3.60 10.44 7.12
CA GLU B 168 3.97 11.78 7.60
CA GLU B 168 3.96 11.79 7.59
C GLU B 168 4.91 11.79 8.84
N GLY B 169 5.04 10.63 9.49
CA GLY B 169 5.92 10.56 10.63
C GLY B 169 5.53 11.51 11.71
N THR B 170 6.50 12.30 12.17
CA THR B 170 6.30 13.26 13.21
C THR B 170 5.82 14.60 12.68
N ALA B 171 5.70 14.78 11.36
CA ALA B 171 5.54 16.11 10.78
C ALA B 171 4.14 16.70 10.96
N THR B 172 3.14 15.89 11.17
CA THR B 172 1.78 16.35 11.41
C THR B 172 1.22 15.63 12.61
N LYS B 173 0.16 16.19 13.16
CA LYS B 173 -0.61 15.54 14.19
C LYS B 173 -1.47 14.44 13.60
N PRO B 174 -1.73 13.32 14.31
CA PRO B 174 -2.61 12.34 13.68
C PRO B 174 -4.05 12.82 13.56
N THR B 175 -4.81 12.25 12.64
CA THR B 175 -6.25 12.53 12.54
C THR B 175 -7.03 11.87 13.67
N GLU B 176 -7.69 12.70 14.47
CA GLU B 176 -8.40 12.19 15.60
C GLU B 176 -9.60 11.39 15.19
N GLY B 177 -9.85 10.31 15.88
CA GLY B 177 -11.10 9.65 15.71
C GLY B 177 -11.21 8.62 14.61
N VAL B 178 -10.11 8.38 13.90
CA VAL B 178 -10.07 7.37 12.85
C VAL B 178 -8.87 6.48 13.18
N TYR B 179 -8.93 5.27 12.68
CA TYR B 179 -7.86 4.31 12.93
C TYR B 179 -6.55 4.91 12.41
N PRO B 180 -5.42 4.75 13.15
CA PRO B 180 -5.24 4.00 14.40
C PRO B 180 -5.38 4.79 15.67
N ASP B 181 -5.87 6.05 15.56
CA ASP B 181 -6.05 6.82 16.77
C ASP B 181 -7.03 6.18 17.69
N THR B 182 -7.92 5.35 17.15
CA THR B 182 -8.95 4.66 17.92
C THR B 182 -8.47 3.41 18.70
N LEU B 183 -7.20 3.04 18.56
CA LEU B 183 -6.64 1.95 19.34
C LEU B 183 -6.27 2.34 20.76
N TYR B 184 -6.52 1.42 21.67
CA TYR B 184 -6.01 1.48 23.06
C TYR B 184 -6.58 2.67 23.80
N ARG B 185 -7.87 2.92 23.58
CA ARG B 185 -8.61 4.02 24.20
C ARG B 185 -9.64 3.42 25.18
N SER B 186 -9.65 3.89 26.41
CA SER B 186 -10.47 3.24 27.45
C SER B 186 -10.92 4.23 28.50
C1 EDO C . -23.71 21.01 -16.38
C1 EDO C . -23.65 20.97 -16.68
O1 EDO C . -23.73 19.93 -17.33
O1 EDO C . -24.29 20.82 -15.42
C2 EDO C . -22.83 22.16 -16.89
C2 EDO C . -22.82 22.23 -16.60
O2 EDO C . -22.99 23.36 -16.10
O2 EDO C . -22.26 22.46 -17.89
CAC FLC D . -8.99 0.23 -21.58
CA FLC D . -8.74 1.71 -21.67
CB FLC D . -7.54 2.11 -22.53
CBC FLC D . -7.74 1.63 -23.98
CG FLC D . -7.32 3.61 -22.56
CGC FLC D . -6.61 4.19 -21.37
OA1 FLC D . -8.21 -0.54 -22.16
OA2 FLC D . -9.96 -0.13 -20.86
OB1 FLC D . -6.84 1.01 -24.54
OB2 FLC D . -8.84 1.90 -24.48
OG1 FLC D . -5.67 4.91 -21.60
OG2 FLC D . -7.01 3.91 -20.22
OHB FLC D . -6.36 1.44 -22.11
O1 2PE E . -25.12 14.87 3.84
C2 2PE E . -24.32 14.27 2.82
C3 2PE E . -23.59 13.04 3.37
O4 2PE E . -22.43 13.47 4.07
C5 2PE E . -21.86 12.46 4.88
C6 2PE E . -20.60 13.07 5.47
O7 2PE E . -19.73 13.60 4.44
C8 2PE E . -18.53 14.09 5.10
C9 2PE E . -17.39 14.24 4.09
O10 2PE E . -17.09 12.97 3.52
C11 2PE E . -16.37 13.07 2.32
C12 2PE E . -16.37 11.69 1.74
O13 2PE E . -15.60 10.86 2.60
C14 2PE E . -15.60 9.52 2.22
C15 2PE E . -14.80 8.68 3.18
O16 2PE E . -15.60 8.68 4.35
C17 2PE E . -15.10 7.71 5.29
C18 2PE E . -15.52 7.99 6.71
O19 2PE E . -16.93 7.91 6.76
C20 2PE E . -17.44 7.87 8.10
C21 2PE E . -18.97 7.65 8.04
O22 2PE E . -19.33 6.33 7.59
C23 2PE E . -20.75 6.20 7.21
C24 2PE E . -21.07 4.87 6.54
O25 2PE E . -20.02 4.62 5.61
C26 2PE E . -20.19 3.43 4.79
C27 2PE E . -19.08 3.31 3.74
O28 2PE E . -17.87 2.98 4.44
C1 PEG F . -10.28 -2.59 13.63
O1 PEG F . -10.54 -3.95 13.22
C2 PEG F . -9.54 -2.51 14.98
O2 PEG F . -9.82 -1.20 15.50
C3 PEG F . -10.31 -1.19 16.85
C4 PEG F . -10.49 0.24 17.35
O4 PEG F . -11.76 0.40 18.00
C1 EDO G . 10.21 14.44 9.79
O1 EDO G . 9.58 15.72 9.89
C2 EDO G . 11.72 14.34 10.07
O2 EDO G . 12.08 14.62 11.44
CB FLC H . 17.67 -12.61 2.59
CBC FLC H . 17.28 -13.42 3.81
CG FLC H . 16.95 -11.28 2.52
CGC FLC H . 15.45 -11.38 2.28
OB1 FLC H . 17.60 -12.93 4.93
OB2 FLC H . 16.64 -14.53 3.64
OG1 FLC H . 14.84 -10.51 1.60
OG2 FLC H . 14.88 -12.40 2.69
OHB FLC H . 17.40 -13.32 1.38
#